data_5MF8
#
_entry.id   5MF8
#
_entity_poly.entity_id   1
_entity_poly.type   'polypeptide(L)'
_entity_poly.pdbx_seq_one_letter_code
;(ACE)(AIB)NII(AIB)PLL(AIB)P(DCL)
;
_entity_poly.pdbx_strand_id   A
#
loop_
_chem_comp.id
_chem_comp.type
_chem_comp.name
_chem_comp.formula
ACE non-polymer 'ACETYL GROUP' 'C2 H4 O'
DCL peptide-like 2-AMINO-4-METHYL-PENTAN-1-OL 'C6 H15 N O'
#
# COMPACT_ATOMS: atom_id res chain seq x y z
C ACE A 1 5.07 1.64 -6.80
O ACE A 1 4.04 1.28 -6.27
CH3 ACE A 1 5.25 1.88 -8.25
H1 ACE A 1 4.28 1.94 -8.73
H2 ACE A 1 5.78 2.83 -8.40
H3 ACE A 1 5.83 1.07 -8.69
N AIB A 2 6.19 1.86 -6.02
CA AIB A 2 6.18 1.66 -4.56
C AIB A 2 5.22 2.64 -3.91
O AIB A 2 4.97 2.47 -2.72
CB1 AIB A 2 7.59 1.89 -4.01
CB2 AIB A 2 5.73 0.23 -4.23
H AIB A 2 7.06 2.17 -6.54
HB11 AIB A 2 7.68 2.96 -3.68
HB12 AIB A 2 7.76 1.23 -3.14
HB13 AIB A 2 8.34 1.67 -4.80
HB21 AIB A 2 4.63 0.18 -4.19
HB22 AIB A 2 6.10 -0.46 -5.03
HB23 AIB A 2 6.15 -0.07 -3.25
N ASN A 3 4.70 3.63 -4.63
CA ASN A 3 3.78 4.60 -4.03
C ASN A 3 2.37 4.02 -3.93
N ILE A 4 2.11 2.97 -4.71
CA ILE A 4 0.81 2.33 -4.69
C ILE A 4 0.74 1.22 -3.64
N ILE A 5 1.86 0.55 -3.43
CA ILE A 5 1.94 -0.53 -2.44
C ILE A 5 1.91 0.03 -1.03
N AIB A 6 2.54 1.25 -0.83
CA AIB A 6 2.59 1.90 0.49
C AIB A 6 1.20 1.95 1.09
O AIB A 6 1.03 1.40 2.18
CB1 AIB A 6 3.13 3.32 0.33
CB2 AIB A 6 3.51 1.11 1.42
H AIB A 6 2.99 1.67 -1.69
HB11 AIB A 6 4.16 3.38 0.73
HB12 AIB A 6 3.13 3.59 -0.75
HB13 AIB A 6 2.48 4.03 0.89
HB21 AIB A 6 3.01 0.18 1.75
HB22 AIB A 6 4.45 0.84 0.88
HB23 AIB A 6 3.77 1.72 2.31
N PRO A 7 0.22 2.59 0.45
CA PRO A 7 -1.14 2.70 0.98
C PRO A 7 -1.88 1.35 0.97
N LEU A 8 -1.67 0.58 -0.10
CA LEU A 8 -2.30 -0.72 -0.25
C LEU A 8 -1.80 -1.69 0.82
N LEU A 9 -0.70 -1.32 1.47
CA LEU A 9 -0.11 -2.16 2.51
C LEU A 9 -0.99 -2.17 3.76
N AIB A 10 -1.57 -0.96 4.11
CA AIB A 10 -2.45 -0.82 5.29
C AIB A 10 -3.52 -1.89 5.26
O AIB A 10 -3.58 -2.67 6.21
CB1 AIB A 10 -3.11 0.55 5.27
CB2 AIB A 10 -1.61 -0.97 6.56
H AIB A 10 -1.35 -0.15 3.47
HB11 AIB A 10 -2.88 1.06 4.31
HB12 AIB A 10 -4.21 0.44 5.37
HB13 AIB A 10 -2.72 1.16 6.12
HB21 AIB A 10 -2.19 -0.56 7.43
HB22 AIB A 10 -1.39 -2.04 6.74
HB23 AIB A 10 -0.66 -0.41 6.45
N PRO A 11 -4.38 -1.96 4.23
CA PRO A 11 -5.44 -2.97 4.15
C PRO A 11 -4.90 -4.37 3.92
N DCL A 12 -3.85 -4.49 3.04
CA DCL A 12 -3.20 -5.77 2.72
C DCL A 12 -1.94 -5.93 3.54
CB DCL A 12 -2.86 -5.81 1.22
CG DCL A 12 -3.48 -7.02 0.51
CD1 DCL A 12 -5.01 -6.91 0.60
CD2 DCL A 12 -3.05 -8.34 1.16
O DCL A 12 -1.56 -7.29 3.60
H DCL A 12 -3.52 -3.57 2.61
HA DCL A 12 -3.91 -6.61 2.95
HC1 DCL A 12 -1.09 -5.36 3.09
HC2 DCL A 12 -2.09 -5.57 4.59
HB1 DCL A 12 -3.23 -4.88 0.74
HB2 DCL A 12 -1.75 -5.87 1.11
HG DCL A 12 -3.14 -7.03 -0.55
HD11 DCL A 12 -5.46 -7.40 -0.30
HD12 DCL A 12 -5.36 -7.43 1.52
HD13 DCL A 12 -5.30 -5.85 0.63
HD21 DCL A 12 -3.55 -8.45 2.14
HD22 DCL A 12 -3.32 -9.19 0.51
HD23 DCL A 12 -1.94 -8.33 1.32
HO DCL A 12 -1.50 -7.76 4.49
C ACE A 1 5.16 1.37 -6.75
O ACE A 1 4.12 1.03 -6.24
CH3 ACE A 1 5.38 1.55 -8.21
H1 ACE A 1 5.48 2.61 -8.44
H2 ACE A 1 6.29 1.02 -8.51
H3 ACE A 1 4.52 1.13 -8.76
N AIB A 2 6.28 1.61 -5.97
CA AIB A 2 6.24 1.48 -4.50
C AIB A 2 5.27 2.49 -3.91
O AIB A 2 5.00 2.37 -2.72
CB1 AIB A 2 7.63 1.72 -3.93
CB2 AIB A 2 5.78 0.07 -4.12
H AIB A 2 7.15 1.89 -6.48
HB11 AIB A 2 8.07 2.62 -4.42
HB12 AIB A 2 7.56 1.90 -2.83
HB13 AIB A 2 8.27 0.84 -4.12
HB21 AIB A 2 6.16 -0.19 -3.11
HB22 AIB A 2 4.66 0.03 -4.10
HB23 AIB A 2 6.17 -0.66 -4.86
N ASN A 3 4.77 3.45 -4.68
CA ASN A 3 3.84 4.45 -4.15
C ASN A 3 2.43 3.88 -4.04
N ILE A 4 2.18 2.80 -4.78
CA ILE A 4 0.87 2.16 -4.77
C ILE A 4 0.78 1.09 -3.70
N ILE A 5 1.89 0.37 -3.49
CA ILE A 5 1.94 -0.68 -2.49
C ILE A 5 1.96 -0.10 -1.08
N AIB A 6 2.64 1.10 -0.93
CA AIB A 6 2.74 1.77 0.38
C AIB A 6 1.37 1.89 1.01
O AIB A 6 1.20 1.36 2.11
CB1 AIB A 6 3.33 3.17 0.18
CB2 AIB A 6 3.66 0.97 1.30
H AIB A 6 3.08 1.49 -1.81
HB11 AIB A 6 2.85 3.87 0.90
HB12 AIB A 6 4.42 3.15 0.35
HB13 AIB A 6 3.12 3.51 -0.86
HB21 AIB A 6 3.30 -0.08 1.38
HB22 AIB A 6 4.69 0.97 0.90
HB23 AIB A 6 3.65 1.42 2.32
N PRO A 7 0.39 2.55 0.37
CA PRO A 7 -0.95 2.70 0.94
C PRO A 7 -1.72 1.38 0.96
N LEU A 8 -1.57 0.59 -0.10
CA LEU A 8 -2.25 -0.69 -0.19
C LEU A 8 -1.76 -1.66 0.88
N LEU A 9 -0.64 -1.32 1.50
CA LEU A 9 -0.06 -2.15 2.54
C LEU A 9 -0.91 -2.10 3.81
N AIB A 10 -1.44 -0.86 4.14
CA AIB A 10 -2.28 -0.68 5.33
C AIB A 10 -3.39 -1.71 5.36
O AIB A 10 -3.45 -2.46 6.33
CB1 AIB A 10 -2.89 0.72 5.30
CB2 AIB A 10 -1.43 -0.82 6.60
H AIB A 10 -1.21 -0.08 3.48
HB11 AIB A 10 -4.01 0.64 5.34
HB12 AIB A 10 -2.53 1.30 6.17
HB13 AIB A 10 -2.60 1.23 4.36
HB21 AIB A 10 -1.09 -1.88 6.70
HB22 AIB A 10 -0.54 -0.17 6.52
HB23 AIB A 10 -2.03 -0.55 7.49
N PRO A 11 -4.27 -1.77 4.35
CA PRO A 11 -5.37 -2.74 4.31
C PRO A 11 -4.88 -4.17 4.10
N DCL A 12 -3.88 -4.35 3.16
CA DCL A 12 -3.30 -5.66 2.85
C DCL A 12 -1.86 -5.70 3.36
CB DCL A 12 -3.32 -5.89 1.33
CG DCL A 12 -4.10 -7.14 0.94
CD1 DCL A 12 -3.11 -8.26 0.60
CD2 DCL A 12 -4.99 -6.89 -0.29
O DCL A 12 -1.29 -6.96 3.05
H DCL A 12 -3.57 -3.46 2.68
HA DCL A 12 -3.90 -6.46 3.34
HC1 DCL A 12 -1.24 -4.93 2.87
HC2 DCL A 12 -1.83 -5.57 4.47
HB1 DCL A 12 -3.78 -5.00 0.84
HB2 DCL A 12 -2.27 -5.98 0.97
HG DCL A 12 -4.75 -7.43 1.79
HD11 DCL A 12 -3.56 -9.24 0.87
HD12 DCL A 12 -2.88 -8.24 -0.49
HD13 DCL A 12 -2.17 -8.11 1.18
HD21 DCL A 12 -4.50 -6.15 -0.95
HD22 DCL A 12 -5.14 -7.84 -0.83
HD23 DCL A 12 -5.96 -6.48 0.05
HO DCL A 12 -0.95 -7.56 3.79
C ACE A 1 4.76 1.26 -7.03
O ACE A 1 3.72 0.99 -6.48
CH3 ACE A 1 4.90 1.54 -8.49
H1 ACE A 1 5.71 0.93 -8.90
H2 ACE A 1 3.97 1.29 -9.00
H3 ACE A 1 5.13 2.59 -8.64
N AIB A 2 5.93 1.33 -6.31
CA AIB A 2 5.97 1.08 -4.86
C AIB A 2 5.15 2.13 -4.13
O AIB A 2 4.93 1.94 -2.93
CB1 AIB A 2 7.41 1.14 -4.36
CB2 AIB A 2 5.38 -0.31 -4.55
H AIB A 2 6.80 1.57 -6.86
HB11 AIB A 2 7.67 2.19 -4.10
HB12 AIB A 2 7.53 0.50 -3.46
HB13 AIB A 2 8.09 0.78 -5.16
HB21 AIB A 2 5.67 -1.01 -5.37
HB22 AIB A 2 5.79 -0.67 -3.59
HB23 AIB A 2 4.28 -0.23 -4.49
N ASN A 3 4.72 3.21 -4.79
CA ASN A 3 3.93 4.24 -4.12
C ASN A 3 2.48 3.82 -3.98
N ILE A 4 2.06 2.86 -4.79
CA ILE A 4 0.69 2.36 -4.76
C ILE A 4 0.54 1.23 -3.74
N ILE A 5 1.58 0.41 -3.61
CA ILE A 5 1.56 -0.70 -2.66
C ILE A 5 1.65 -0.20 -1.23
N AIB A 6 2.41 0.93 -1.02
CA AIB A 6 2.57 1.51 0.33
C AIB A 6 1.22 1.70 0.99
O AIB A 6 1.02 1.11 2.06
CB1 AIB A 6 3.25 2.88 0.20
CB2 AIB A 6 3.44 0.59 1.19
H AIB A 6 2.87 1.34 -1.87
HB11 AIB A 6 4.32 2.79 0.50
HB12 AIB A 6 3.20 3.23 -0.85
HB13 AIB A 6 2.74 3.62 0.87
HB21 AIB A 6 3.32 0.87 2.27
HB22 AIB A 6 3.12 -0.46 1.05
HB23 AIB A 6 4.50 0.71 0.90
N PRO A 7 0.29 2.47 0.41
CA PRO A 7 -1.04 2.68 1.00
C PRO A 7 -1.90 1.43 0.95
N LEU A 8 -1.82 0.70 -0.15
CA LEU A 8 -2.60 -0.52 -0.32
C LEU A 8 -2.17 -1.59 0.69
N LEU A 9 -1.01 -1.38 1.31
CA LEU A 9 -0.49 -2.31 2.29
C LEU A 9 -1.32 -2.28 3.57
N AIB A 10 -1.76 -1.03 3.98
CA AIB A 10 -2.58 -0.86 5.20
C AIB A 10 -3.76 -1.81 5.17
O AIB A 10 -3.87 -2.62 6.09
CB1 AIB A 10 -3.09 0.58 5.26
CB2 AIB A 10 -1.73 -1.15 6.43
H AIB A 10 -1.47 -0.22 3.37
HB11 AIB A 10 -2.72 1.14 4.38
HB12 AIB A 10 -4.20 0.58 5.26
HB13 AIB A 10 -2.72 1.06 6.19
HB21 AIB A 10 -1.17 -2.11 6.29
HB22 AIB A 10 -1.00 -0.32 6.59
HB23 AIB A 10 -2.39 -1.25 7.33
N PRO A 11 -4.65 -1.74 4.16
CA PRO A 11 -5.82 -2.62 4.09
C PRO A 11 -5.43 -4.07 3.79
N DCL A 12 -4.13 -4.28 3.38
CA DCL A 12 -3.61 -5.62 3.05
C DCL A 12 -3.19 -6.32 4.34
CB DCL A 12 -2.40 -5.48 2.12
CG DCL A 12 -1.92 -6.85 1.60
CD1 DCL A 12 -0.42 -7.00 1.90
CD2 DCL A 12 -2.14 -6.98 0.09
O DCL A 12 -2.84 -5.34 5.32
H DCL A 12 -3.54 -3.41 3.33
HA DCL A 12 -4.40 -6.22 2.55
HC1 DCL A 12 -4.03 -6.92 4.76
HC2 DCL A 12 -2.30 -6.97 4.17
HB1 DCL A 12 -2.69 -4.85 1.25
HB2 DCL A 12 -1.57 -5.00 2.67
HG DCL A 12 -2.50 -7.64 2.11
HD11 DCL A 12 -0.26 -6.93 3.00
HD12 DCL A 12 -0.07 -7.98 1.53
HD13 DCL A 12 0.14 -6.19 1.38
HD21 DCL A 12 -3.21 -7.22 -0.10
HD22 DCL A 12 -1.87 -6.03 -0.41
HD23 DCL A 12 -1.49 -7.80 -0.30
HO DCL A 12 -1.90 -5.34 5.71
C ACE A 1 4.94 1.41 -6.93
O ACE A 1 3.92 1.08 -6.38
CH3 ACE A 1 5.08 1.64 -8.40
H1 ACE A 1 6.08 1.36 -8.72
H2 ACE A 1 4.34 1.03 -8.93
H3 ACE A 1 4.91 2.69 -8.62
N AIB A 2 6.09 1.62 -6.20
CA AIB A 2 6.13 1.44 -4.74
C AIB A 2 5.22 2.44 -4.07
O AIB A 2 5.00 2.29 -2.87
CB1 AIB A 2 7.56 1.64 -4.24
CB2 AIB A 2 5.67 0.02 -4.38
H AIB A 2 6.95 1.91 -6.75
HB11 AIB A 2 7.95 0.68 -3.82
HB12 AIB A 2 8.20 1.97 -5.07
HB13 AIB A 2 7.56 2.42 -3.43
HB21 AIB A 2 6.02 -0.69 -5.16
HB22 AIB A 2 6.08 -0.27 -3.39
HB23 AIB A 2 4.55 0.00 -4.33
N ASN A 3 4.70 3.44 -4.77
CA ASN A 3 3.83 4.44 -4.16
C ASN A 3 2.40 3.91 -4.02
N ILE A 4 2.08 2.87 -4.79
CA ILE A 4 0.76 2.26 -4.75
C ILE A 4 0.69 1.17 -3.68
N ILE A 5 1.80 0.46 -3.50
CA ILE A 5 1.86 -0.61 -2.52
C ILE A 5 1.88 -0.04 -1.09
N AIB A 6 2.54 1.15 -0.93
CA AIB A 6 2.64 1.81 0.39
C AIB A 6 1.26 1.90 1.03
O AIB A 6 1.10 1.34 2.12
CB1 AIB A 6 3.20 3.21 0.21
CB2 AIB A 6 3.56 1.00 1.31
H AIB A 6 2.97 1.56 -1.80
HB11 AIB A 6 4.25 3.25 0.56
HB12 AIB A 6 3.16 3.50 -0.86
HB13 AIB A 6 2.59 3.94 0.81
HB21 AIB A 6 3.58 1.46 2.32
HB22 AIB A 6 3.19 -0.04 1.38
HB23 AIB A 6 4.60 1.00 0.88
N PRO A 7 0.28 2.56 0.40
CA PRO A 7 -1.07 2.69 0.97
C PRO A 7 -1.83 1.36 0.97
N LEU A 8 -1.66 0.59 -0.10
CA LEU A 8 -2.33 -0.69 -0.23
C LEU A 8 -1.83 -1.68 0.84
N LEU A 9 -0.71 -1.34 1.45
CA LEU A 9 -0.12 -2.18 2.49
C LEU A 9 -0.98 -2.16 3.75
N AIB A 10 -1.52 -0.94 4.10
CA AIB A 10 -2.36 -0.78 5.30
C AIB A 10 -3.46 -1.83 5.31
O AIB A 10 -3.51 -2.60 6.26
CB1 AIB A 10 -2.99 0.61 5.29
CB2 AIB A 10 -1.51 -0.95 6.57
H AIB A 10 -1.29 -0.14 3.46
HB11 AIB A 10 -2.69 1.15 6.22
HB12 AIB A 10 -2.64 1.17 4.41
HB13 AIB A 10 -4.10 0.51 5.26
HB21 AIB A 10 -0.60 -0.32 6.48
HB22 AIB A 10 -2.09 -0.64 7.46
HB23 AIB A 10 -1.20 -2.02 6.67
N PRO A 11 -4.34 -1.89 4.30
CA PRO A 11 -5.42 -2.86 4.25
C PRO A 11 -4.92 -4.28 4.01
N DCL A 12 -3.89 -4.41 3.10
CA DCL A 12 -3.29 -5.72 2.77
C DCL A 12 -1.99 -5.89 3.56
CB DCL A 12 -2.99 -5.78 1.26
CG DCL A 12 -3.71 -6.96 0.59
CD1 DCL A 12 -5.22 -6.76 0.73
CD2 DCL A 12 -3.33 -8.29 1.22
O DCL A 12 -2.21 -5.53 4.92
H DCL A 12 -3.56 -3.52 2.66
HA DCL A 12 -3.99 -6.54 3.04
HC1 DCL A 12 -1.64 -6.94 3.53
HC2 DCL A 12 -1.19 -5.22 3.15
HB1 DCL A 12 -3.33 -4.83 0.80
HB2 DCL A 12 -1.90 -5.91 1.12
HG DCL A 12 -3.42 -6.97 -0.48
HD11 DCL A 12 -5.53 -6.94 1.78
HD12 DCL A 12 -5.49 -5.73 0.44
HD13 DCL A 12 -5.76 -7.48 0.07
HD21 DCL A 12 -2.26 -8.28 1.50
HD22 DCL A 12 -3.94 -8.46 2.13
HD23 DCL A 12 -3.52 -9.11 0.49
HO DCL A 12 -1.67 -4.78 5.33
C ACE A 1 5.10 1.53 -6.81
O ACE A 1 4.08 1.17 -6.28
CH3 ACE A 1 5.30 1.72 -8.28
H1 ACE A 1 5.07 2.75 -8.54
H2 ACE A 1 6.33 1.50 -8.54
H3 ACE A 1 4.63 1.06 -8.82
N AIB A 2 6.21 1.80 -6.03
CA AIB A 2 6.19 1.67 -4.57
C AIB A 2 5.21 2.66 -3.97
O AIB A 2 4.95 2.53 -2.77
CB1 AIB A 2 7.59 1.97 -4.01
CB2 AIB A 2 5.78 0.25 -4.19
H AIB A 2 7.07 2.12 -6.56
HB11 AIB A 2 7.63 3.01 -3.65
HB12 AIB A 2 7.79 1.28 -3.17
HB13 AIB A 2 8.34 1.81 -4.81
HB21 AIB A 2 4.67 0.18 -4.17
HB22 AIB A 2 6.18 -0.47 -4.94
HB23 AIB A 2 6.19 0.00 -3.18
N ASN A 3 4.66 3.61 -4.73
CA ASN A 3 3.72 4.57 -4.19
C ASN A 3 2.32 3.97 -4.07
N ILE A 4 2.10 2.88 -4.81
CA ILE A 4 0.81 2.20 -4.78
C ILE A 4 0.77 1.12 -3.70
N ILE A 5 1.89 0.44 -3.52
CA ILE A 5 1.98 -0.62 -2.51
C ILE A 5 2.00 -0.03 -1.10
N AIB A 6 2.64 1.18 -0.96
CA AIB A 6 2.74 1.86 0.35
C AIB A 6 1.38 1.94 1.00
O AIB A 6 1.24 1.40 2.09
CB1 AIB A 6 3.28 3.28 0.15
CB2 AIB A 6 3.69 1.09 1.27
H AIB A 6 3.06 1.59 -1.84
HB11 AIB A 6 3.28 3.52 -0.94
HB12 AIB A 6 2.63 4.00 0.69
HB13 AIB A 6 4.32 3.34 0.54
HB21 AIB A 6 4.73 1.15 0.86
HB22 AIB A 6 3.66 1.52 2.28
HB23 AIB A 6 3.38 0.02 1.30
N PRO A 7 0.37 2.56 0.37
CA PRO A 7 -0.97 2.68 0.95
C PRO A 7 -1.70 1.34 0.98
N LEU A 8 -1.55 0.55 -0.08
CA LEU A 8 -2.19 -0.75 -0.18
C LEU A 8 -1.66 -1.69 0.89
N LEU A 9 -0.53 -1.33 1.49
CA LEU A 9 0.08 -2.15 2.53
C LEU A 9 -0.75 -2.13 3.81
N AIB A 10 -1.32 -0.91 4.15
CA AIB A 10 -2.15 -0.76 5.35
C AIB A 10 -3.23 -1.81 5.38
O AIB A 10 -3.25 -2.58 6.35
CB1 AIB A 10 -2.81 0.63 5.33
CB2 AIB A 10 -1.29 -0.88 6.61
H AIB A 10 -1.11 -0.11 3.49
HB11 AIB A 10 -3.92 0.51 5.36
HB12 AIB A 10 -2.48 1.20 6.22
HB13 AIB A 10 -2.51 1.16 4.40
HB21 AIB A 10 -0.47 -0.12 6.57
HB22 AIB A 10 -1.90 -0.71 7.51
HB23 AIB A 10 -0.84 -1.90 6.64
N PRO A 11 -4.12 -1.90 4.38
CA PRO A 11 -5.19 -2.90 4.36
C PRO A 11 -4.65 -4.31 4.14
N DCL A 12 -3.66 -4.45 3.19
CA DCL A 12 -3.04 -5.75 2.86
C DCL A 12 -1.53 -5.66 3.11
CB DCL A 12 -3.30 -6.10 1.39
CG DCL A 12 -4.36 -7.19 1.23
CD1 DCL A 12 -4.02 -8.05 0.01
CD2 DCL A 12 -5.76 -6.59 1.04
O DCL A 12 -0.92 -6.88 2.75
H DCL A 12 -3.37 -3.56 2.71
HA DCL A 12 -3.48 -6.54 3.50
HC1 DCL A 12 -1.08 -4.85 2.50
HC2 DCL A 12 -1.32 -5.48 4.19
HB1 DCL A 12 -3.65 -5.18 0.86
HB2 DCL A 12 -2.35 -6.44 0.93
HG DCL A 12 -4.37 -7.81 2.16
HD11 DCL A 12 -3.59 -9.02 0.35
HD12 DCL A 12 -4.93 -8.23 -0.58
HD13 DCL A 12 -3.27 -7.51 -0.62
HD21 DCL A 12 -5.93 -6.41 -0.05
HD22 DCL A 12 -6.52 -7.31 1.42
HD23 DCL A 12 -5.83 -5.64 1.59
HO DCL A 12 -0.41 -7.41 3.44
C ACE A 1 4.95 1.58 -6.84
O ACE A 1 3.92 1.22 -6.32
CH3 ACE A 1 5.12 1.78 -8.31
H1 ACE A 1 4.96 2.83 -8.55
H2 ACE A 1 6.13 1.50 -8.60
H3 ACE A 1 4.40 1.16 -8.85
N AIB A 2 6.07 1.84 -6.08
CA AIB A 2 6.07 1.68 -4.61
C AIB A 2 5.10 2.67 -4.00
O AIB A 2 4.86 2.53 -2.79
CB1 AIB A 2 7.47 1.94 -4.08
CB2 AIB A 2 5.64 0.25 -4.25
H AIB A 2 6.93 2.14 -6.61
HB11 AIB A 2 7.43 2.05 -2.97
HB12 AIB A 2 8.14 1.09 -4.33
HB13 AIB A 2 7.87 2.88 -4.52
HB21 AIB A 2 4.53 0.19 -4.20
HB22 AIB A 2 6.02 -0.45 -5.01
HB23 AIB A 2 6.05 -0.01 -3.25
N ASN A 3 4.56 3.63 -4.74
CA ASN A 3 3.63 4.61 -4.17
C ASN A 3 2.23 4.01 -4.05
N ILE A 4 1.98 2.94 -4.79
CA ILE A 4 0.68 2.28 -4.75
C ILE A 4 0.65 1.20 -3.68
N ILE A 5 1.77 0.50 -3.51
CA ILE A 5 1.85 -0.56 -2.51
C ILE A 5 1.90 0.01 -1.10
N AIB A 6 2.55 1.22 -0.95
CA AIB A 6 2.67 1.89 0.36
C AIB A 6 1.30 1.96 1.02
O AIB A 6 1.16 1.43 2.12
CB1 AIB A 6 3.20 3.30 0.17
CB2 AIB A 6 3.61 1.09 1.27
H AIB A 6 2.97 1.63 -1.83
HB11 AIB A 6 2.64 4.01 0.79
HB12 AIB A 6 4.29 3.33 0.45
HB13 AIB A 6 3.10 3.59 -0.90
HB21 AIB A 6 4.66 1.26 0.94
HB22 AIB A 6 3.50 1.44 2.31
HB23 AIB A 6 3.37 0.01 1.20
N PRO A 7 0.30 2.62 0.40
CA PRO A 7 -1.04 2.73 0.99
C PRO A 7 -1.78 1.40 1.02
N LEU A 8 -1.65 0.62 -0.04
CA LEU A 8 -2.30 -0.67 -0.15
C LEU A 8 -1.76 -1.64 0.91
N LEU A 9 -0.63 -1.28 1.50
CA LEU A 9 -0.01 -2.11 2.54
C LEU A 9 -0.85 -2.09 3.82
N AIB A 10 -1.39 -0.88 4.17
CA AIB A 10 -2.22 -0.71 5.38
C AIB A 10 -3.30 -1.77 5.42
O AIB A 10 -3.33 -2.53 6.38
CB1 AIB A 10 -2.87 0.67 5.38
CB2 AIB A 10 -1.33 -0.86 6.62
H AIB A 10 -1.19 -0.07 3.51
HB11 AIB A 10 -2.70 1.15 4.39
HB12 AIB A 10 -3.95 0.57 5.58
HB13 AIB A 10 -2.40 1.30 6.17
HB21 AIB A 10 -0.58 -0.04 6.64
HB22 AIB A 10 -1.97 -0.79 7.54
HB23 AIB A 10 -0.81 -1.84 6.60
N PRO A 11 -4.20 -1.84 4.43
CA PRO A 11 -5.27 -2.83 4.40
C PRO A 11 -4.77 -4.25 4.17
N DCL A 12 -3.76 -4.38 3.23
CA DCL A 12 -3.16 -5.68 2.89
C DCL A 12 -1.69 -5.69 3.35
CB DCL A 12 -3.23 -5.91 1.37
CG DCL A 12 -3.56 -7.36 1.03
CD1 DCL A 12 -2.65 -7.83 -0.10
CD2 DCL A 12 -5.01 -7.51 0.57
O DCL A 12 -1.18 -7.00 3.27
H DCL A 12 -3.46 -3.49 2.77
HA DCL A 12 -3.70 -6.50 3.41
HC1 DCL A 12 -1.08 -5.03 2.70
HC2 DCL A 12 -1.60 -5.34 4.40
HB1 DCL A 12 -4.01 -5.25 0.95
HB2 DCL A 12 -2.24 -5.65 0.93
HG DCL A 12 -3.42 -7.99 1.93
HD11 DCL A 12 -3.00 -7.41 -1.07
HD12 DCL A 12 -1.61 -7.49 0.10
HD13 DCL A 12 -2.66 -8.95 -0.16
HD21 DCL A 12 -5.69 -7.27 1.42
HD22 DCL A 12 -5.21 -6.81 -0.27
HD23 DCL A 12 -5.20 -8.56 0.24
HO DCL A 12 -0.82 -7.46 4.09
C ACE A 1 6.64 -0.21 -4.41
O ACE A 1 7.51 -0.49 -3.61
CH3 ACE A 1 6.29 -1.02 -5.60
H1 ACE A 1 5.33 -0.69 -5.99
H2 ACE A 1 7.05 -0.91 -6.36
H3 ACE A 1 6.21 -2.08 -5.31
N AIB A 2 5.89 0.94 -4.23
CA AIB A 2 6.12 1.85 -3.10
C AIB A 2 5.17 3.02 -3.17
O AIB A 2 4.83 3.54 -2.10
CB1 AIB A 2 7.55 2.36 -3.15
CB2 AIB A 2 5.90 1.10 -1.78
H AIB A 2 5.15 1.11 -4.95
HB11 AIB A 2 7.60 3.37 -2.68
HB12 AIB A 2 8.23 1.67 -2.60
HB13 AIB A 2 7.88 2.44 -4.21
HB21 AIB A 2 4.92 0.57 -1.80
HB22 AIB A 2 6.71 0.36 -1.63
HB23 AIB A 2 5.90 1.82 -0.93
N ASN A 3 4.72 3.45 -4.35
CA ASN A 3 3.81 4.58 -4.46
C ASN A 3 2.38 4.15 -4.15
N ILE A 4 1.86 3.21 -4.93
CA ILE A 4 0.50 2.72 -4.74
C ILE A 4 0.49 1.48 -3.84
N ILE A 5 1.61 0.79 -3.78
CA ILE A 5 1.73 -0.41 -2.95
C ILE A 5 1.73 -0.05 -1.47
N AIB A 6 2.43 1.10 -1.12
CA AIB A 6 2.51 1.56 0.28
C AIB A 6 1.12 1.69 0.86
O AIB A 6 0.86 1.04 1.87
CB1 AIB A 6 3.20 2.92 0.32
CB2 AIB A 6 3.31 0.56 1.12
H AIB A 6 2.90 1.61 -1.91
HB11 AIB A 6 2.78 3.53 1.14
HB12 AIB A 6 4.30 2.77 0.50
HB13 AIB A 6 3.05 3.44 -0.65
HB21 AIB A 6 2.89 -0.46 0.98
HB22 AIB A 6 4.37 0.56 0.78
HB23 AIB A 6 3.26 0.83 2.19
N PRO A 7 0.23 2.52 0.29
CA PRO A 7 -1.13 2.69 0.81
C PRO A 7 -2.00 1.46 0.61
N LEU A 8 -1.52 0.54 -0.21
CA LEU A 8 -2.25 -0.70 -0.49
C LEU A 8 -1.89 -1.78 0.52
N LEU A 9 -0.69 -1.68 1.09
CA LEU A 9 -0.22 -2.65 2.07
C LEU A 9 -1.00 -2.52 3.37
N AIB A 10 -1.29 -1.23 3.79
CA AIB A 10 -2.02 -0.95 5.03
C AIB A 10 -3.31 -1.76 5.06
O AIB A 10 -3.45 -2.55 6.00
CB1 AIB A 10 -2.37 0.53 5.09
CB2 AIB A 10 -1.16 -1.32 6.24
H AIB A 10 -0.94 -0.45 3.16
HB11 AIB A 10 -3.44 0.65 5.41
HB12 AIB A 10 -1.72 1.04 5.83
HB13 AIB A 10 -2.23 0.99 4.09
HB21 AIB A 10 -0.11 -0.99 6.06
HB22 AIB A 10 -1.55 -0.81 7.15
HB23 AIB A 10 -1.18 -2.42 6.39
N PRO A 11 -4.22 -1.61 4.10
CA PRO A 11 -5.48 -2.37 4.09
C PRO A 11 -5.26 -3.85 3.78
N DCL A 12 -4.01 -4.20 3.34
CA DCL A 12 -3.64 -5.60 3.02
C DCL A 12 -3.61 -6.41 4.31
CB DCL A 12 -2.26 -5.63 2.35
CG DCL A 12 -2.12 -6.79 1.35
CD1 DCL A 12 -0.66 -7.24 1.32
CD2 DCL A 12 -2.55 -6.38 -0.05
O DCL A 12 -4.89 -6.98 4.53
H DCL A 12 -3.32 -3.42 3.25
HA DCL A 12 -4.39 -6.03 2.31
HC1 DCL A 12 -2.88 -7.26 4.22
HC2 DCL A 12 -3.35 -5.78 5.17
HB1 DCL A 12 -2.10 -4.68 1.80
HB2 DCL A 12 -1.48 -5.73 3.14
HG DCL A 12 -2.78 -7.63 1.69
HD11 DCL A 12 -0.01 -6.41 1.68
HD12 DCL A 12 -0.52 -8.13 1.96
HD13 DCL A 12 -0.38 -7.50 0.27
HD21 DCL A 12 -1.69 -5.90 -0.57
HD22 DCL A 12 -2.87 -7.27 -0.62
HD23 DCL A 12 -3.40 -5.66 0.02
HO DCL A 12 -5.39 -6.77 5.38
C ACE A 1 7.47 1.09 -6.60
O ACE A 1 7.63 -0.08 -6.33
CH3 ACE A 1 8.13 1.82 -7.72
H1 ACE A 1 9.21 1.74 -7.62
H2 ACE A 1 7.83 1.38 -8.67
H3 ACE A 1 7.84 2.87 -7.69
N AIB A 2 6.62 1.86 -5.83
CA AIB A 2 5.89 1.29 -4.68
C AIB A 2 5.01 2.36 -4.06
O AIB A 2 4.78 2.24 -2.85
CB1 AIB A 2 6.89 0.79 -3.65
CB2 AIB A 2 5.01 0.13 -5.16
H AIB A 2 6.53 2.87 -6.12
HB11 AIB A 2 7.63 1.59 -3.44
HB12 AIB A 2 6.35 0.54 -2.70
HB13 AIB A 2 7.40 -0.11 -4.03
HB21 AIB A 2 5.35 -0.21 -6.16
HB22 AIB A 2 5.11 -0.72 -4.44
HB23 AIB A 2 3.96 0.44 -5.20
N ASN A 3 4.52 3.34 -4.80
CA ASN A 3 3.67 4.39 -4.22
C ASN A 3 2.25 3.88 -4.04
N ILE A 4 1.90 2.81 -4.75
CA ILE A 4 0.56 2.23 -4.66
C ILE A 4 0.52 1.11 -3.62
N ILE A 5 1.64 0.41 -3.48
CA ILE A 5 1.73 -0.69 -2.53
C ILE A 5 1.77 -0.17 -1.10
N AIB A 6 2.49 1.00 -0.89
CA AIB A 6 2.62 1.61 0.44
C AIB A 6 1.25 1.78 1.07
O AIB A 6 1.05 1.23 2.15
CB1 AIB A 6 3.28 2.98 0.31
CB2 AIB A 6 3.48 0.72 1.34
H AIB A 6 2.94 1.42 -1.75
HB11 AIB A 6 2.67 3.74 0.85
HB12 AIB A 6 4.30 2.94 0.74
HB13 AIB A 6 3.35 3.26 -0.76
HB21 AIB A 6 3.52 1.15 2.37
HB22 AIB A 6 3.04 -0.31 1.39
HB23 AIB A 6 4.51 0.66 0.93
N PRO A 7 0.31 2.50 0.45
CA PRO A 7 -1.03 2.71 1.01
C PRO A 7 -1.86 1.44 0.99
N LEU A 8 -1.75 0.67 -0.10
CA LEU A 8 -2.50 -0.57 -0.25
C LEU A 8 -2.04 -1.59 0.78
N LEU A 9 -0.90 -1.34 1.41
CA LEU A 9 -0.35 -2.25 2.41
C LEU A 9 -1.19 -2.22 3.68
N AIB A 10 -1.66 -0.97 4.07
CA AIB A 10 -2.49 -0.81 5.28
C AIB A 10 -3.64 -1.78 5.26
O AIB A 10 -3.75 -2.58 6.20
CB1 AIB A 10 -3.03 0.62 5.33
CB2 AIB A 10 -1.63 -1.07 6.53
H AIB A 10 -1.40 -0.17 3.45
HB11 AIB A 10 -2.73 1.16 4.41
HB12 AIB A 10 -4.14 0.60 5.41
HB13 AIB A 10 -2.60 1.14 6.22
HB21 AIB A 10 -1.30 -2.13 6.54
HB22 AIB A 10 -0.75 -0.40 6.52
HB23 AIB A 10 -2.23 -0.87 7.44
N PRO A 11 -4.53 -1.75 4.26
CA PRO A 11 -5.69 -2.66 4.19
C PRO A 11 -5.27 -4.09 3.90
N DCL A 12 -4.06 -4.26 3.26
CA DCL A 12 -3.51 -5.59 2.93
C DCL A 12 -2.67 -6.10 4.10
CB DCL A 12 -2.63 -5.48 1.67
CG DCL A 12 -2.25 -6.86 1.11
CD1 DCL A 12 -0.76 -7.09 1.30
CD2 DCL A 12 -2.58 -6.96 -0.39
O DCL A 12 -3.36 -5.86 5.31
H DCL A 12 -3.53 -3.37 3.05
HA DCL A 12 -4.35 -6.30 2.72
HC1 DCL A 12 -2.51 -7.20 4.02
HC2 DCL A 12 -1.69 -5.58 4.14
HB1 DCL A 12 -3.18 -4.91 0.89
HB2 DCL A 12 -1.70 -4.94 1.93
HG DCL A 12 -2.84 -7.64 1.65
HD11 DCL A 12 -0.57 -7.49 2.32
HD12 DCL A 12 -0.39 -7.81 0.54
HD13 DCL A 12 -0.22 -6.12 1.19
HD21 DCL A 12 -1.79 -7.56 -0.89
HD22 DCL A 12 -3.57 -7.46 -0.51
HD23 DCL A 12 -2.61 -5.95 -0.82
HO DCL A 12 -2.94 -5.28 6.03
C ACE A 1 7.18 1.15 -7.41
O ACE A 1 7.11 -0.05 -7.51
CH3 ACE A 1 8.05 2.03 -8.26
H1 ACE A 1 8.43 1.45 -9.10
H2 ACE A 1 7.47 2.88 -8.62
H3 ACE A 1 8.88 2.39 -7.65
N AIB A 2 6.41 1.82 -6.48
CA AIB A 2 5.50 1.10 -5.57
C AIB A 2 4.76 2.09 -4.70
O AIB A 2 4.41 1.70 -3.58
CB1 AIB A 2 6.31 0.16 -4.68
CB2 AIB A 2 4.49 0.29 -6.39
H AIB A 2 6.53 2.87 -6.46
HB11 AIB A 2 6.75 -0.65 -5.30
HB12 AIB A 2 7.13 0.72 -4.19
HB13 AIB A 2 5.65 -0.29 -3.91
HB21 AIB A 2 4.70 -0.80 -6.26
HB22 AIB A 2 3.46 0.52 -6.03
HB23 AIB A 2 4.58 0.56 -7.46
N ASN A 3 4.51 3.32 -5.13
CA ASN A 3 3.81 4.30 -4.31
C ASN A 3 2.41 3.81 -3.96
N ILE A 4 1.91 2.85 -4.74
CA ILE A 4 0.59 2.29 -4.51
C ILE A 4 0.62 1.21 -3.43
N ILE A 5 1.80 0.61 -3.24
CA ILE A 5 1.97 -0.43 -2.24
C ILE A 5 1.91 0.15 -0.82
N AIB A 6 2.49 1.38 -0.64
CA AIB A 6 2.51 2.05 0.67
C AIB A 6 1.10 2.09 1.24
O AIB A 6 0.92 1.56 2.34
CB1 AIB A 6 3.02 3.48 0.50
CB2 AIB A 6 3.43 1.29 1.62
H AIB A 6 2.91 1.82 -1.51
HB11 AIB A 6 2.29 4.19 0.96
HB12 AIB A 6 4.00 3.58 1.01
HB13 AIB A 6 3.12 3.71 -0.58
HB21 AIB A 6 3.06 0.25 1.74
HB22 AIB A 6 4.45 1.28 1.21
HB23 AIB A 6 3.43 1.79 2.62
N PRO A 7 0.12 2.70 0.58
CA PRO A 7 -1.26 2.78 1.08
C PRO A 7 -1.96 1.42 1.07
N LEU A 8 -1.72 0.65 0.02
CA LEU A 8 -2.34 -0.67 -0.10
C LEU A 8 -1.81 -1.61 0.97
N LEU A 9 -0.72 -1.22 1.62
CA LEU A 9 -0.12 -2.03 2.68
C LEU A 9 -1.00 -2.05 3.92
N AIB A 10 -1.61 -0.86 4.25
CA AIB A 10 -2.50 -0.74 5.43
C AIB A 10 -3.55 -1.83 5.40
O AIB A 10 -3.60 -2.60 6.36
CB1 AIB A 10 -3.19 0.62 5.40
CB2 AIB A 10 -1.67 -0.87 6.71
H AIB A 10 -1.41 -0.04 3.61
HB11 AIB A 10 -2.63 1.34 6.06
HB12 AIB A 10 -3.20 1.02 4.37
HB13 AIB A 10 -4.22 0.52 5.78
HB21 AIB A 10 -0.88 -0.09 6.72
HB22 AIB A 10 -2.33 -0.73 7.59
HB23 AIB A 10 -1.20 -1.87 6.75
N PRO A 11 -4.40 -1.91 4.36
CA PRO A 11 -5.45 -2.94 4.28
C PRO A 11 -4.87 -4.34 4.06
N DCL A 12 -3.82 -4.43 3.17
CA DCL A 12 -3.16 -5.71 2.85
C DCL A 12 -1.69 -5.62 3.26
CB DCL A 12 -3.26 -5.99 1.35
CG DCL A 12 -3.39 -7.48 1.04
CD1 DCL A 12 -2.53 -7.82 -0.19
CD2 DCL A 12 -4.84 -7.87 0.75
O DCL A 12 -1.00 -6.77 2.78
H DCL A 12 -3.52 -3.52 2.73
HA DCL A 12 -3.65 -6.54 3.40
HC1 DCL A 12 -1.20 -4.72 2.82
HC2 DCL A 12 -1.58 -5.59 4.36
HB1 DCL A 12 -4.16 -5.47 0.94
HB2 DCL A 12 -2.35 -5.59 0.84
HG DCL A 12 -3.04 -8.05 1.93
HD11 DCL A 12 -2.30 -6.88 -0.74
HD12 DCL A 12 -1.59 -8.31 0.15
HD13 DCL A 12 -3.10 -8.52 -0.85
HD21 DCL A 12 -4.99 -8.95 1.02
HD22 DCL A 12 -5.52 -7.24 1.35
HD23 DCL A 12 -5.05 -7.74 -0.34
HO DCL A 12 -0.53 -7.38 3.43
C ACE A 1 7.24 1.15 -7.44
O ACE A 1 7.20 -0.06 -7.52
CH3 ACE A 1 8.09 2.03 -8.30
H1 ACE A 1 8.07 3.04 -7.90
H2 ACE A 1 9.12 1.66 -8.29
H3 ACE A 1 7.71 2.02 -9.31
N AIB A 2 6.46 1.81 -6.51
CA AIB A 2 5.55 1.08 -5.60
C AIB A 2 4.79 2.06 -4.74
O AIB A 2 4.45 1.68 -3.63
CB1 AIB A 2 6.39 0.17 -4.70
CB2 AIB A 2 4.57 0.24 -6.41
H AIB A 2 6.54 2.86 -6.51
HB11 AIB A 2 5.74 -0.26 -3.90
HB12 AIB A 2 6.81 -0.66 -5.31
HB13 AIB A 2 7.21 0.75 -4.24
HB21 AIB A 2 3.53 0.58 -6.20
HB22 AIB A 2 4.77 0.36 -7.50
HB23 AIB A 2 4.68 -0.83 -6.14
N ASN A 3 4.52 3.28 -5.20
CA ASN A 3 3.79 4.26 -4.39
C ASN A 3 2.40 3.74 -4.04
N ILE A 4 1.93 2.76 -4.81
CA ILE A 4 0.61 2.18 -4.57
C ILE A 4 0.67 1.11 -3.48
N ILE A 5 1.85 0.55 -3.27
CA ILE A 5 2.04 -0.49 -2.27
C ILE A 5 1.97 0.10 -0.86
N AIB A 6 2.52 1.35 -0.70
CA AIB A 6 2.52 2.04 0.60
C AIB A 6 1.13 2.05 1.19
O AIB A 6 0.95 1.53 2.28
CB1 AIB A 6 3.01 3.48 0.43
CB2 AIB A 6 3.46 1.31 1.58
H AIB A 6 2.95 1.79 -1.56
HB11 AIB A 6 2.44 4.15 1.10
HB12 AIB A 6 4.09 3.53 0.67
HB13 AIB A 6 2.86 3.79 -0.63
HB21 AIB A 6 2.99 0.36 1.91
HB22 AIB A 6 4.42 1.07 1.06
HB23 AIB A 6 3.66 1.96 2.46
N PRO A 7 0.13 2.64 0.51
CA PRO A 7 -1.25 2.69 1.01
C PRO A 7 -1.92 1.32 1.02
N LEU A 8 -1.67 0.54 -0.03
CA LEU A 8 -2.25 -0.79 -0.14
C LEU A 8 -1.71 -1.71 0.95
N LEU A 9 -0.63 -1.28 1.60
CA LEU A 9 -0.01 -2.08 2.66
C LEU A 9 -0.90 -2.10 3.91
N AIB A 10 -1.54 -0.91 4.23
CA AIB A 10 -2.42 -0.80 5.39
C AIB A 10 -3.45 -1.91 5.38
O AIB A 10 -3.49 -2.68 6.34
CB1 AIB A 10 -3.14 0.55 5.36
CB2 AIB A 10 -1.60 -0.90 6.68
H AIB A 10 -1.35 -0.10 3.58
HB11 AIB A 10 -2.99 1.02 4.36
HB12 AIB A 10 -4.23 0.40 5.53
HB13 AIB A 10 -2.73 1.21 6.14
HB21 AIB A 10 -1.22 -1.94 6.80
HB22 AIB A 10 -0.73 -0.20 6.63
HB23 AIB A 10 -2.23 -0.64 7.55
N PRO A 11 -4.29 -2.03 4.34
CA PRO A 11 -5.32 -3.08 4.26
C PRO A 11 -4.72 -4.46 4.07
N DCL A 12 -3.63 -4.54 3.22
CA DCL A 12 -2.93 -5.80 2.93
C DCL A 12 -1.49 -5.71 3.42
CB DCL A 12 -2.94 -6.05 1.42
CG DCL A 12 -4.33 -6.45 0.90
CD1 DCL A 12 -4.36 -7.95 0.62
CD2 DCL A 12 -4.67 -5.70 -0.40
O DCL A 12 -0.79 -6.89 3.07
H DCL A 12 -3.32 -3.62 2.81
HA DCL A 12 -3.45 -6.65 3.44
HC1 DCL A 12 -0.97 -4.84 2.96
HC2 DCL A 12 -1.46 -5.61 4.54
HB1 DCL A 12 -2.61 -5.12 0.90
HB2 DCL A 12 -2.23 -6.88 1.18
HG DCL A 12 -5.08 -6.17 1.67
HD11 DCL A 12 -3.96 -8.16 -0.39
HD12 DCL A 12 -3.73 -8.47 1.38
HD13 DCL A 12 -5.41 -8.31 0.70
HD21 DCL A 12 -4.88 -4.64 -0.17
HD22 DCL A 12 -3.81 -5.77 -1.10
HD23 DCL A 12 -5.57 -6.17 -0.87
HO DCL A 12 -0.38 -7.47 3.79
C ACE A 1 7.31 1.14 -7.44
O ACE A 1 7.24 -0.06 -7.52
CH3 ACE A 1 8.18 2.02 -8.26
H1 ACE A 1 7.94 3.06 -8.08
H2 ACE A 1 9.24 1.84 -8.00
H3 ACE A 1 8.03 1.79 -9.32
N AIB A 2 6.53 1.81 -6.50
CA AIB A 2 5.61 1.09 -5.60
C AIB A 2 4.86 2.08 -4.74
O AIB A 2 4.50 1.68 -3.62
CB1 AIB A 2 6.41 0.15 -4.71
CB2 AIB A 2 4.61 0.29 -6.44
H AIB A 2 6.65 2.86 -6.48
HB11 AIB A 2 6.61 0.63 -3.74
HB12 AIB A 2 5.84 -0.79 -4.55
HB13 AIB A 2 7.38 -0.10 -5.21
HB21 AIB A 2 3.59 0.43 -6.02
HB22 AIB A 2 4.64 0.63 -7.49
HB23 AIB A 2 4.87 -0.79 -6.38
N ASN A 3 4.63 3.31 -5.17
CA ASN A 3 3.92 4.29 -4.35
C ASN A 3 2.51 3.80 -4.02
N ILE A 4 2.02 2.85 -4.80
CA ILE A 4 0.69 2.30 -4.59
C ILE A 4 0.71 1.21 -3.51
N ILE A 5 1.88 0.61 -3.31
CA ILE A 5 2.04 -0.44 -2.31
C ILE A 5 1.98 0.12 -0.90
N AIB A 6 2.56 1.37 -0.71
CA AIB A 6 2.57 2.03 0.61
C AIB A 6 1.16 2.07 1.16
O AIB A 6 0.97 1.54 2.26
CB1 AIB A 6 3.09 3.46 0.44
CB2 AIB A 6 3.48 1.27 1.56
H AIB A 6 2.99 1.80 -1.56
HB11 AIB A 6 4.13 3.52 0.82
HB12 AIB A 6 3.06 3.75 -0.63
HB13 AIB A 6 2.44 4.16 1.03
HB21 AIB A 6 4.48 1.15 1.11
HB22 AIB A 6 3.57 1.83 2.52
HB23 AIB A 6 3.04 0.26 1.77
N PRO A 7 0.18 2.70 0.49
CA PRO A 7 -1.20 2.77 1.00
C PRO A 7 -1.90 1.42 0.98
N LEU A 8 -1.67 0.65 -0.08
CA LEU A 8 -2.27 -0.67 -0.21
C LEU A 8 -1.77 -1.63 0.86
N LEU A 9 -0.68 -1.23 1.53
CA LEU A 9 -0.10 -2.05 2.59
C LEU A 9 -0.98 -2.07 3.82
N AIB A 10 -1.60 -0.87 4.15
CA AIB A 10 -2.48 -0.75 5.31
C AIB A 10 -3.54 -1.84 5.28
O AIB A 10 -3.60 -2.61 6.23
CB1 AIB A 10 -3.17 0.62 5.29
CB2 AIB A 10 -1.67 -0.89 6.61
H AIB A 10 -1.38 -0.06 3.51
HB11 AIB A 10 -2.86 1.19 6.18
HB12 AIB A 10 -2.87 1.16 4.38
HB13 AIB A 10 -4.27 0.48 5.31
HB21 AIB A 10 -0.89 -0.09 6.64
HB22 AIB A 10 -2.34 -0.79 7.48
HB23 AIB A 10 -1.18 -1.89 6.62
N PRO A 11 -4.38 -1.92 4.24
CA PRO A 11 -5.43 -2.95 4.14
C PRO A 11 -4.86 -4.35 3.91
N DCL A 12 -3.81 -4.44 3.03
CA DCL A 12 -3.15 -5.71 2.71
C DCL A 12 -1.81 -5.79 3.45
CB DCL A 12 -2.90 -5.81 1.21
CG DCL A 12 -3.54 -7.07 0.59
CD1 DCL A 12 -5.06 -6.98 0.78
CD2 DCL A 12 -3.03 -8.34 1.26
O DCL A 12 -1.20 -7.04 3.21
H DCL A 12 -3.50 -3.53 2.60
HA DCL A 12 -3.79 -6.56 3.03
HC1 DCL A 12 -1.12 -4.99 3.10
HC2 DCL A 12 -1.96 -5.68 4.55
HB1 DCL A 12 -3.33 -4.91 0.71
HB2 DCL A 12 -1.80 -5.85 1.02
HG DCL A 12 -3.29 -7.10 -0.49
HD11 DCL A 12 -5.33 -7.38 1.78
HD12 DCL A 12 -5.40 -5.93 0.69
HD13 DCL A 12 -5.56 -7.61 0.00
HD21 DCL A 12 -3.45 -8.41 2.29
HD22 DCL A 12 -3.36 -9.22 0.67
HD23 DCL A 12 -1.92 -8.31 1.31
HO DCL A 12 -0.99 -7.66 3.98
C ACE A 1 7.08 1.24 -7.78
O ACE A 1 6.94 0.05 -7.99
CH3 ACE A 1 7.97 2.15 -8.54
H1 ACE A 1 7.65 3.18 -8.40
H2 ACE A 1 9.00 2.04 -8.18
H3 ACE A 1 7.93 1.89 -9.59
N AIB A 2 6.36 1.85 -6.75
CA AIB A 2 5.44 1.08 -5.90
C AIB A 2 4.77 2.00 -4.90
O AIB A 2 4.41 1.51 -3.83
CB1 AIB A 2 6.21 0.01 -5.14
CB2 AIB A 2 4.37 0.41 -6.77
H AIB A 2 6.54 2.87 -6.62
HB11 AIB A 2 5.63 -0.94 -5.13
HB12 AIB A 2 7.20 -0.16 -5.64
HB13 AIB A 2 6.38 0.34 -4.09
HB21 AIB A 2 4.60 -0.67 -6.86
HB22 AIB A 2 3.37 0.53 -6.29
HB23 AIB A 2 4.37 0.87 -7.78
N ASN A 3 4.58 3.29 -5.21
CA ASN A 3 3.94 4.20 -4.28
C ASN A 3 2.52 3.76 -3.95
N ILE A 4 1.96 2.92 -4.81
CA ILE A 4 0.61 2.40 -4.61
C ILE A 4 0.60 1.24 -3.62
N ILE A 5 1.75 0.60 -3.46
CA ILE A 5 1.88 -0.53 -2.55
C ILE A 5 1.77 -0.08 -1.10
N AIB A 6 2.37 1.12 -0.80
CA AIB A 6 2.34 1.68 0.57
C AIB A 6 0.91 1.73 1.08
O AIB A 6 0.65 1.11 2.11
CB1 AIB A 6 2.90 3.10 0.55
CB2 AIB A 6 3.17 0.81 1.51
H AIB A 6 2.85 1.62 -1.59
HB11 AIB A 6 2.27 3.77 1.18
HB12 AIB A 6 3.94 3.08 0.97
HB13 AIB A 6 2.93 3.48 -0.48
HB21 AIB A 6 2.73 -0.21 1.57
HB22 AIB A 6 4.20 0.72 1.12
HB23 AIB A 6 3.20 1.26 2.53
N PRO A 7 -0.02 2.44 0.41
CA PRO A 7 -1.41 2.54 0.86
C PRO A 7 -2.16 1.21 0.70
N LEU A 8 -1.57 0.29 -0.06
CA LEU A 8 -2.18 -1.01 -0.29
C LEU A 8 -1.80 -2.00 0.81
N LEU A 9 -0.65 -1.76 1.43
CA LEU A 9 -0.18 -2.64 2.51
C LEU A 9 -1.04 -2.47 3.76
N AIB A 10 -1.44 -1.19 4.05
CA AIB A 10 -2.27 -0.89 5.24
C AIB A 10 -3.47 -1.80 5.27
O AIB A 10 -3.61 -2.52 6.27
CB1 AIB A 10 -2.75 0.56 5.16
CB2 AIB A 10 -1.44 -1.09 6.51
H AIB A 10 -1.12 -0.43 3.38
HB11 AIB A 10 -3.86 0.59 5.19
HB12 AIB A 10 -2.34 1.14 6.03
HB13 AIB A 10 -2.39 1.02 4.21
HB21 AIB A 10 -0.97 -2.09 6.49
HB22 AIB A 10 -0.65 -0.30 6.57
HB23 AIB A 10 -2.11 -1.00 7.40
N PRO A 11 -4.34 -1.82 4.25
CA PRO A 11 -5.52 -2.67 4.23
C PRO A 11 -5.17 -4.15 4.07
N DCL A 12 -3.86 -4.42 3.73
CA DCL A 12 -3.36 -5.80 3.53
C DCL A 12 -2.76 -6.30 4.85
CB DCL A 12 -2.29 -5.81 2.44
CG DCL A 12 -2.83 -6.31 1.10
CD1 DCL A 12 -1.72 -6.24 0.05
CD2 DCL A 12 -4.01 -5.46 0.63
O DCL A 12 -3.12 -7.67 5.04
H DCL A 12 -3.24 -3.58 3.61
HA DCL A 12 -4.20 -6.46 3.22
HC1 DCL A 12 -1.66 -6.23 4.84
HC2 DCL A 12 -3.16 -5.71 5.71
HB1 DCL A 12 -1.90 -4.78 2.31
HB2 DCL A 12 -1.45 -6.48 2.77
HG DCL A 12 -3.17 -7.35 1.23
HD11 DCL A 12 -1.28 -5.22 0.05
HD12 DCL A 12 -0.92 -6.98 0.29
HD13 DCL A 12 -2.14 -6.45 -0.95
HD21 DCL A 12 -3.82 -5.11 -0.42
HD22 DCL A 12 -4.94 -6.07 0.64
HD23 DCL A 12 -4.13 -4.58 1.30
HO DCL A 12 -3.65 -7.94 5.85
C ACE A 1 7.24 1.23 -7.40
O ACE A 1 7.15 0.04 -7.58
CH3 ACE A 1 8.16 2.13 -8.17
H1 ACE A 1 8.07 1.93 -9.22
H2 ACE A 1 7.89 3.18 -7.96
H3 ACE A 1 9.19 1.96 -7.84
N AIB A 2 6.49 1.86 -6.44
CA AIB A 2 5.53 1.10 -5.60
C AIB A 2 4.79 2.05 -4.67
O AIB A 2 4.41 1.59 -3.60
CB1 AIB A 2 6.29 0.07 -4.77
CB2 AIB A 2 4.51 0.38 -6.49
H AIB A 2 6.62 2.89 -6.34
HB11 AIB A 2 5.72 -0.88 -4.75
HB12 AIB A 2 7.29 -0.10 -5.22
HB13 AIB A 2 6.41 0.45 -3.73
HB21 AIB A 2 4.73 -0.71 -6.49
HB22 AIB A 2 3.49 0.57 -6.11
HB23 AIB A 2 4.60 0.77 -7.53
N ASN A 3 4.60 3.32 -5.03
CA ASN A 3 3.91 4.25 -4.15
C ASN A 3 2.48 3.79 -3.87
N ILE A 4 1.97 2.90 -4.72
CA ILE A 4 0.63 2.37 -4.56
C ILE A 4 0.60 1.24 -3.55
N ILE A 5 1.75 0.63 -3.32
CA ILE A 5 1.86 -0.47 -2.36
C ILE A 5 1.69 0.02 -0.93
N AIB A 6 2.27 1.24 -0.63
CA AIB A 6 2.18 1.84 0.71
C AIB A 6 0.74 1.88 1.16
O AIB A 6 0.46 1.28 2.20
CB1 AIB A 6 2.73 3.26 0.66
CB2 AIB A 6 3.00 1.01 1.70
H AIB A 6 2.77 1.71 -1.43
HB11 AIB A 6 3.74 3.29 1.14
HB12 AIB A 6 2.82 3.60 -0.39
HB13 AIB A 6 2.04 3.94 1.22
HB21 AIB A 6 3.24 1.62 2.60
HB22 AIB A 6 2.42 0.11 2.01
HB23 AIB A 6 3.95 0.69 1.21
N PRO A 7 -0.18 2.55 0.44
CA PRO A 7 -1.59 2.63 0.84
C PRO A 7 -2.31 1.28 0.69
N LEU A 8 -1.66 0.35 0.00
CA LEU A 8 -2.24 -0.98 -0.21
C LEU A 8 -1.90 -1.91 0.94
N LEU A 9 -0.77 -1.65 1.59
CA LEU A 9 -0.31 -2.47 2.71
C LEU A 9 -1.21 -2.25 3.93
N AIB A 10 -1.63 -0.96 4.16
CA AIB A 10 -2.50 -0.61 5.29
C AIB A 10 -3.68 -1.54 5.36
O AIB A 10 -3.84 -2.22 6.37
CB1 AIB A 10 -3.00 0.83 5.14
CB2 AIB A 10 -1.70 -0.73 6.60
H AIB A 10 -1.30 -0.24 3.46
HB11 AIB A 10 -4.10 0.86 5.27
HB12 AIB A 10 -2.51 1.47 5.90
HB13 AIB A 10 -2.74 1.20 4.12
HB21 AIB A 10 -1.64 -1.80 6.90
HB22 AIB A 10 -0.69 -0.31 6.46
HB23 AIB A 10 -2.22 -0.15 7.41
N PRO A 11 -4.54 -1.61 4.32
CA PRO A 11 -5.71 -2.49 4.31
C PRO A 11 -5.33 -3.96 4.23
N DCL A 12 -4.02 -4.24 3.91
CA DCL A 12 -3.49 -5.61 3.79
C DCL A 12 -2.81 -6.00 5.10
CB DCL A 12 -2.49 -5.69 2.64
CG DCL A 12 -3.15 -6.09 1.31
CD1 DCL A 12 -3.47 -7.59 1.36
CD2 DCL A 12 -2.24 -5.82 0.12
O DCL A 12 -3.32 -7.24 5.56
H DCL A 12 -3.40 -3.39 3.77
HA DCL A 12 -4.33 -6.32 3.59
HC1 DCL A 12 -1.71 -6.12 4.95
HC2 DCL A 12 -2.99 -5.23 5.89
HB1 DCL A 12 -2.01 -4.69 2.51
HB2 DCL A 12 -1.71 -6.43 2.89
HG DCL A 12 -4.08 -5.50 1.19
HD11 DCL A 12 -3.85 -7.86 2.37
HD12 DCL A 12 -4.25 -7.83 0.60
HD13 DCL A 12 -2.54 -8.17 1.14
HD21 DCL A 12 -2.46 -6.55 -0.69
HD22 DCL A 12 -2.42 -4.79 -0.26
HD23 DCL A 12 -1.18 -5.91 0.43
HO DCL A 12 -3.76 -7.30 6.47
C ACE A 1 5.72 2.14 -6.24
O ACE A 1 4.58 1.80 -6.01
CH3 ACE A 1 6.23 2.58 -7.58
H1 ACE A 1 5.54 2.24 -8.35
H2 ACE A 1 6.28 3.67 -7.60
H3 ACE A 1 7.22 2.17 -7.75
N AIB A 2 6.68 2.12 -5.24
CA AIB A 2 6.34 1.70 -3.87
C AIB A 2 5.34 2.66 -3.26
O AIB A 2 4.83 2.34 -2.18
CB1 AIB A 2 7.61 1.70 -3.01
CB2 AIB A 2 5.74 0.29 -3.88
H AIB A 2 7.65 2.42 -5.53
HB11 AIB A 2 8.45 2.14 -3.60
HB12 AIB A 2 7.44 2.31 -2.11
HB13 AIB A 2 7.87 0.66 -2.73
HB21 AIB A 2 5.93 -0.20 -2.91
HB22 AIB A 2 4.65 0.35 -4.07
HB23 AIB A 2 6.22 -0.30 -4.70
N ASN A 3 5.04 3.79 -3.89
CA ASN A 3 4.09 4.75 -3.32
C ASN A 3 2.65 4.30 -3.60
N ILE A 4 2.49 3.42 -4.58
CA ILE A 4 1.17 2.92 -4.93
C ILE A 4 0.81 1.69 -4.11
N ILE A 5 1.81 0.87 -3.81
CA ILE A 5 1.61 -0.34 -3.02
C ILE A 5 1.32 -0.01 -1.56
N AIB A 6 1.99 1.08 -1.04
CA AIB A 6 1.82 1.52 0.36
C AIB A 6 0.34 1.62 0.68
O AIB A 6 -0.09 0.93 1.60
CB1 AIB A 6 2.47 2.89 0.54
CB2 AIB A 6 2.47 0.51 1.30
H AIB A 6 2.65 1.58 -1.70
HB11 AIB A 6 3.27 2.81 1.31
HB12 AIB A 6 2.90 3.22 -0.42
HB13 AIB A 6 1.70 3.61 0.89
HB21 AIB A 6 2.22 -0.52 0.97
HB22 AIB A 6 3.57 0.64 1.29
HB23 AIB A 6 2.09 0.66 2.33
N PRO A 7 -0.45 2.44 -0.03
CA PRO A 7 -1.88 2.59 0.24
C PRO A 7 -2.67 1.35 -0.14
N LEU A 8 -2.04 0.45 -0.89
CA LEU A 8 -2.69 -0.79 -1.32
C LEU A 8 -2.60 -1.85 -0.23
N LEU A 9 -1.48 -1.86 0.49
CA LEU A 9 -1.28 -2.82 1.57
C LEU A 9 -1.31 -2.15 2.93
N AIB A 10 -1.97 -0.93 2.99
CA AIB A 10 -2.07 -0.17 4.25
C AIB A 10 -2.66 -1.03 5.34
O AIB A 10 -1.99 -1.21 6.35
CB1 AIB A 10 -2.98 1.05 4.03
CB2 AIB A 10 -0.68 0.31 4.69
H AIB A 10 -2.39 -0.59 2.08
HB11 AIB A 10 -3.71 1.11 4.85
HB12 AIB A 10 -2.36 1.97 4.01
HB13 AIB A 10 -3.52 0.94 3.06
HB21 AIB A 10 0.05 -0.52 4.57
HB22 AIB A 10 -0.38 1.17 4.05
HB23 AIB A 10 -0.71 0.63 5.75
N PRO A 11 -3.88 -1.58 5.18
CA PRO A 11 -4.51 -2.42 6.20
C PRO A 11 -3.83 -3.77 6.35
N DCL A 12 -3.26 -4.29 5.20
CA DCL A 12 -2.56 -5.58 5.17
C DCL A 12 -1.12 -5.38 5.66
CB DCL A 12 -2.54 -6.14 3.74
CG DCL A 12 -3.20 -7.51 3.64
CD1 DCL A 12 -4.67 -7.40 4.04
CD2 DCL A 12 -2.52 -8.53 4.56
O DCL A 12 -0.45 -6.63 5.66
H DCL A 12 -3.37 -3.69 4.33
HA DCL A 12 -3.08 -6.31 5.83
HC1 DCL A 12 -0.58 -4.69 4.99
HC2 DCL A 12 -1.11 -4.99 6.70
HB1 DCL A 12 -3.09 -5.43 3.07
HB2 DCL A 12 -1.49 -6.22 3.40
HG DCL A 12 -3.11 -7.88 2.59
HD11 DCL A 12 -5.09 -6.44 3.65
HD12 DCL A 12 -5.24 -8.26 3.63
HD13 DCL A 12 -4.76 -7.40 5.15
HD21 DCL A 12 -2.77 -8.29 5.62
HD22 DCL A 12 -2.86 -9.55 4.31
HD23 DCL A 12 -1.42 -8.47 4.43
HO DCL A 12 -0.06 -7.00 6.51
C ACE A 1 5.58 2.10 -6.48
O ACE A 1 4.46 1.75 -6.17
CH3 ACE A 1 6.00 2.50 -7.84
H1 ACE A 1 6.32 3.55 -7.82
H2 ACE A 1 6.82 1.88 -8.18
H3 ACE A 1 5.16 2.41 -8.53
N AIB A 2 6.58 2.12 -5.53
CA AIB A 2 6.33 1.75 -4.13
C AIB A 2 5.34 2.70 -3.49
O AIB A 2 4.90 2.41 -2.39
CB1 AIB A 2 7.64 1.80 -3.34
CB2 AIB A 2 5.77 0.33 -4.07
H AIB A 2 7.53 2.44 -5.86
HB11 AIB A 2 7.87 0.79 -2.91
HB12 AIB A 2 8.47 2.09 -4.03
HB13 AIB A 2 7.56 2.54 -2.52
HB21 AIB A 2 6.01 -0.13 -3.08
HB22 AIB A 2 4.66 0.36 -4.19
HB23 AIB A 2 6.21 -0.29 -4.88
N ASN A 3 4.99 3.82 -4.13
CA ASN A 3 4.05 4.77 -3.55
C ASN A 3 2.61 4.28 -3.73
N ILE A 4 2.42 3.38 -4.67
CA ILE A 4 1.09 2.84 -4.95
C ILE A 4 0.80 1.62 -4.07
N ILE A 5 1.84 0.83 -3.80
CA ILE A 5 1.69 -0.36 -2.98
C ILE A 5 1.48 0.01 -1.51
N AIB A 6 2.16 1.13 -1.06
CA AIB A 6 2.04 1.60 0.34
C AIB A 6 0.58 1.68 0.73
O AIB A 6 0.22 1.01 1.70
CB1 AIB A 6 2.67 2.98 0.45
CB2 AIB A 6 2.77 0.63 1.27
H AIB A 6 2.76 1.61 -1.78
HB11 AIB A 6 1.94 3.69 0.90
HB12 AIB A 6 3.57 2.93 1.10
HB13 AIB A 6 2.97 3.35 -0.56
HB21 AIB A 6 3.85 0.60 1.01
HB22 AIB A 6 2.65 0.97 2.32
HB23 AIB A 6 2.33 -0.38 1.17
N PRO A 7 -0.26 2.47 0.05
CA PRO A 7 -1.68 2.60 0.39
C PRO A 7 -2.47 1.33 0.09
N LEU A 8 -2.00 0.57 -0.90
CA LEU A 8 -2.66 -0.67 -1.28
C LEU A 8 -2.49 -1.74 -0.22
N LEU A 9 -1.41 -1.62 0.56
CA LEU A 9 -1.13 -2.58 1.63
C LEU A 9 -1.30 -1.93 3.00
N AIB A 10 -2.12 -0.82 3.05
CA AIB A 10 -2.37 -0.10 4.30
C AIB A 10 -2.96 -1.04 5.33
O AIB A 10 -2.36 -1.18 6.39
CB1 AIB A 10 -3.34 1.05 4.05
CB2 AIB A 10 -1.05 0.48 4.85
H AIB A 10 -2.53 -0.51 2.13
HB11 AIB A 10 -3.77 0.95 3.03
HB12 AIB A 10 -4.17 1.02 4.80
HB13 AIB A 10 -2.81 2.02 4.12
HB21 AIB A 10 -0.58 1.11 4.08
HB22 AIB A 10 -1.26 1.09 5.75
HB23 AIB A 10 -0.37 -0.36 5.12
N PRO A 11 -4.12 -1.67 5.08
CA PRO A 11 -4.76 -2.58 6.03
C PRO A 11 -3.97 -3.87 6.20
N DCL A 12 -3.46 -4.42 5.04
CA DCL A 12 -2.68 -5.67 5.03
C DCL A 12 -1.31 -5.41 5.66
CB DCL A 12 -2.48 -6.16 3.58
CG DCL A 12 -3.22 -7.48 3.32
CD1 DCL A 12 -2.21 -8.63 3.39
CD2 DCL A 12 -3.87 -7.49 1.94
O DCL A 12 -0.50 -6.57 5.54
H DCL A 12 -3.65 -3.88 4.15
HA DCL A 12 -3.22 -6.45 5.62
HC1 DCL A 12 -0.78 -4.58 5.15
HC2 DCL A 12 -1.41 -5.18 6.75
HB1 DCL A 12 -2.89 -5.38 2.89
HB2 DCL A 12 -1.40 -6.30 3.40
HG DCL A 12 -4.01 -7.60 4.09
HD11 DCL A 12 -1.66 -8.70 2.43
HD12 DCL A 12 -1.49 -8.45 4.22
HD13 DCL A 12 -2.75 -9.58 3.59
HD21 DCL A 12 -3.99 -8.54 1.58
HD22 DCL A 12 -4.87 -7.00 2.00
HD23 DCL A 12 -3.23 -6.92 1.22
HO DCL A 12 -0.13 -7.03 6.36
C ACE A 1 6.38 0.68 -6.91
O ACE A 1 7.32 0.05 -6.48
CH3 ACE A 1 5.89 0.63 -8.32
H1 ACE A 1 4.81 0.49 -8.33
H2 ACE A 1 6.14 1.57 -8.82
H3 ACE A 1 6.37 -0.19 -8.84
N AIB A 2 5.67 1.53 -6.07
CA AIB A 2 6.03 1.69 -4.65
C AIB A 2 5.09 2.68 -3.99
O AIB A 2 4.88 2.53 -2.79
CB1 AIB A 2 7.46 2.20 -4.54
CB2 AIB A 2 5.92 0.33 -3.94
H AIB A 2 4.87 2.04 -6.52
HB11 AIB A 2 7.61 3.02 -5.27
HB12 AIB A 2 7.65 2.57 -3.51
HB13 AIB A 2 8.17 1.37 -4.77
HB21 AIB A 2 4.96 -0.16 -4.23
HB22 AIB A 2 6.77 -0.31 -4.23
HB23 AIB A 2 5.93 0.49 -2.84
N ASN A 3 4.55 3.65 -4.71
CA ASN A 3 3.65 4.64 -4.10
C ASN A 3 2.24 4.06 -3.95
N ILE A 4 1.96 3.01 -4.71
CA ILE A 4 0.65 2.37 -4.65
C ILE A 4 0.62 1.26 -3.61
N ILE A 5 1.75 0.58 -3.45
CA ILE A 5 1.85 -0.50 -2.47
C ILE A 5 1.88 0.05 -1.05
N AIB A 6 2.54 1.24 -0.88
CA AIB A 6 2.64 1.89 0.45
C AIB A 6 1.29 1.96 1.10
O AIB A 6 1.14 1.41 2.20
CB1 AIB A 6 3.20 3.30 0.28
CB2 AIB A 6 3.59 1.08 1.34
H AIB A 6 2.96 1.67 -1.74
HB11 AIB A 6 2.46 4.05 0.65
HB12 AIB A 6 4.14 3.40 0.86
HB13 AIB A 6 3.41 3.50 -0.80
HB21 AIB A 6 4.58 0.98 0.85
HB22 AIB A 6 3.72 1.60 2.31
HB23 AIB A 6 3.16 0.07 1.52
N PRO A 7 0.29 2.62 0.50
CA PRO A 7 -1.05 2.75 1.08
C PRO A 7 -1.80 1.42 1.09
N LEU A 8 -1.66 0.67 0.00
CA LEU A 8 -2.32 -0.63 -0.11
C LEU A 8 -1.80 -1.61 0.92
N LEU A 9 -0.66 -1.28 1.53
CA LEU A 9 -0.05 -2.13 2.54
C LEU A 9 -0.88 -2.13 3.82
N AIB A 10 -1.43 -0.92 4.20
CA AIB A 10 -2.25 -0.79 5.41
C AIB A 10 -3.34 -1.83 5.42
O AIB A 10 -3.37 -2.62 6.37
CB1 AIB A 10 -2.89 0.60 5.44
CB2 AIB A 10 -1.38 -0.96 6.65
H AIB A 10 -1.21 -0.11 3.56
HB11 AIB A 10 -3.99 0.51 5.59
HB12 AIB A 10 -2.45 1.20 6.26
HB13 AIB A 10 -2.70 1.12 4.47
HB21 AIB A 10 -0.53 -0.24 6.61
HB22 AIB A 10 -1.97 -0.76 7.57
HB23 AIB A 10 -0.97 -2.00 6.68
N PRO A 11 -4.24 -1.88 4.42
CA PRO A 11 -5.33 -2.87 4.38
C PRO A 11 -4.82 -4.28 4.11
N DCL A 12 -3.81 -4.40 3.17
CA DCL A 12 -3.22 -5.69 2.81
C DCL A 12 -1.74 -5.70 3.23
CB DCL A 12 -3.32 -5.91 1.29
CG DCL A 12 -3.59 -7.38 0.93
CD1 DCL A 12 -2.54 -7.84 -0.08
CD2 DCL A 12 -4.98 -7.55 0.31
O DCL A 12 -1.18 -6.97 2.92
H DCL A 12 -3.51 -3.49 2.72
HA DCL A 12 -3.75 -6.51 3.33
HC1 DCL A 12 -1.18 -4.93 2.67
HC2 DCL A 12 -1.65 -5.53 4.32
HB1 DCL A 12 -4.14 -5.28 0.90
HB2 DCL A 12 -2.37 -5.59 0.82
HG DCL A 12 -3.54 -7.98 1.86
HD11 DCL A 12 -2.97 -8.64 -0.72
HD12 DCL A 12 -2.23 -6.99 -0.71
HD13 DCL A 12 -1.65 -8.24 0.47
HD21 DCL A 12 -5.27 -6.61 -0.20
HD22 DCL A 12 -4.95 -8.38 -0.43
HD23 DCL A 12 -5.72 -7.78 1.11
HO DCL A 12 -0.78 -7.53 3.67
C ACE A 1 5.37 -0.52 -7.07
O ACE A 1 6.55 -0.73 -7.25
CH3 ACE A 1 4.26 -1.24 -7.75
H1 ACE A 1 4.58 -2.25 -7.99
H2 ACE A 1 3.39 -1.27 -7.09
H3 ACE A 1 4.00 -0.71 -8.67
N AIB A 2 4.97 0.45 -6.16
CA AIB A 2 5.95 1.24 -5.40
C AIB A 2 5.23 2.22 -4.48
O AIB A 2 5.06 1.86 -3.32
CB1 AIB A 2 6.82 2.03 -6.38
CB2 AIB A 2 6.84 0.32 -4.56
H AIB A 2 3.93 0.56 -6.05
HB11 AIB A 2 6.26 2.22 -7.31
HB12 AIB A 2 7.12 3.00 -5.91
HB13 AIB A 2 7.74 1.44 -6.61
HB21 AIB A 2 7.42 0.93 -3.83
HB22 AIB A 2 6.20 -0.40 -4.00
HB23 AIB A 2 7.52 -0.23 -5.22
N ASN A 3 4.81 3.39 -4.95
CA ASN A 3 4.13 4.35 -4.10
C ASN A 3 2.70 3.90 -3.81
N ILE A 4 2.15 3.09 -4.71
CA ILE A 4 0.79 2.58 -4.55
C ILE A 4 0.75 1.44 -3.54
N ILE A 5 1.89 0.81 -3.33
CA ILE A 5 1.98 -0.30 -2.39
C ILE A 5 1.92 0.19 -0.95
N AIB A 6 2.53 1.40 -0.70
CA AIB A 6 2.54 2.00 0.65
C AIB A 6 1.14 2.03 1.23
O AIB A 6 0.95 1.45 2.29
CB1 AIB A 6 3.07 3.43 0.57
CB2 AIB A 6 3.45 1.19 1.58
H AIB A 6 2.98 1.88 -1.52
HB11 AIB A 6 2.43 4.11 1.17
HB12 AIB A 6 4.11 3.47 0.96
HB13 AIB A 6 3.06 3.77 -0.49
HB21 AIB A 6 3.33 1.54 2.62
HB22 AIB A 6 3.16 0.11 1.52
HB23 AIB A 6 4.50 1.30 1.26
N PRO A 7 0.16 2.68 0.58
CA PRO A 7 -1.21 2.74 1.08
C PRO A 7 -1.93 1.40 1.00
N LEU A 8 -1.70 0.67 -0.08
CA LEU A 8 -2.32 -0.63 -0.27
C LEU A 8 -1.81 -1.63 0.75
N LEU A 9 -0.73 -1.27 1.43
CA LEU A 9 -0.14 -2.14 2.45
C LEU A 9 -1.04 -2.21 3.69
N AIB A 10 -1.63 -1.02 4.07
CA AIB A 10 -2.52 -0.95 5.25
C AIB A 10 -3.58 -2.02 5.16
O AIB A 10 -3.64 -2.84 6.09
CB1 AIB A 10 -3.20 0.42 5.28
CB2 AIB A 10 -1.71 -1.14 6.52
H AIB A 10 -1.42 -0.18 3.47
HB11 AIB A 10 -4.29 0.30 5.45
HB12 AIB A 10 -2.76 1.04 6.09
HB13 AIB A 10 -3.04 0.94 4.30
HB21 AIB A 10 -2.35 -0.96 7.41
HB22 AIB A 10 -1.31 -2.18 6.56
HB23 AIB A 10 -0.86 -0.41 6.53
N PRO A 11 -4.43 -2.06 4.11
CA PRO A 11 -5.48 -3.07 3.99
C PRO A 11 -4.92 -4.46 3.71
N DCL A 12 -3.83 -4.53 2.86
CA DCL A 12 -3.17 -5.79 2.50
C DCL A 12 -1.77 -5.82 3.12
CB DCL A 12 -3.06 -5.90 0.97
CG DCL A 12 -3.75 -7.15 0.43
CD1 DCL A 12 -5.26 -7.06 0.74
CD2 DCL A 12 -3.20 -8.42 1.06
O DCL A 12 -1.28 -7.15 3.08
H DCL A 12 -3.50 -3.60 2.49
HA DCL A 12 -3.77 -6.64 2.88
HC1 DCL A 12 -1.07 -5.18 2.55
HC2 DCL A 12 -1.81 -5.50 4.18
HB1 DCL A 12 -3.52 -4.99 0.51
HB2 DCL A 12 -1.98 -5.94 0.70
HG DCL A 12 -3.59 -7.20 -0.68
HD11 DCL A 12 -5.49 -7.76 1.58
HD12 DCL A 12 -5.51 -6.03 1.04
HD13 DCL A 12 -5.83 -7.35 -0.16
HD21 DCL A 12 -2.10 -8.31 1.21
HD22 DCL A 12 -3.68 -8.60 2.04
HD23 DCL A 12 -3.38 -9.28 0.39
HO DCL A 12 -1.02 -7.63 3.95
C ACE A 1 7.87 1.02 -6.61
O ACE A 1 7.50 0.04 -7.19
CH3 ACE A 1 9.26 1.59 -6.69
H1 ACE A 1 9.26 2.58 -6.24
H2 ACE A 1 9.95 0.94 -6.15
H3 ACE A 1 9.56 1.66 -7.73
N AIB A 2 7.01 1.72 -5.80
CA AIB A 2 5.61 1.29 -5.60
C AIB A 2 4.90 2.25 -4.66
O AIB A 2 4.85 1.92 -3.48
CB1 AIB A 2 5.59 -0.11 -5.00
CB2 AIB A 2 4.89 1.27 -6.95
H AIB A 2 7.41 2.57 -5.32
HB11 AIB A 2 5.49 -0.87 -5.82
HB12 AIB A 2 6.54 -0.29 -4.44
HB13 AIB A 2 4.73 -0.21 -4.31
HB21 AIB A 2 3.80 1.42 -6.80
HB22 AIB A 2 5.28 2.10 -7.59
HB23 AIB A 2 5.06 0.30 -7.45
N ASN A 3 4.37 3.36 -5.13
CA ASN A 3 3.68 4.31 -4.26
C ASN A 3 2.25 3.85 -3.97
N ILE A 4 1.75 2.97 -4.81
CA ILE A 4 0.39 2.44 -4.65
C ILE A 4 0.35 1.33 -3.62
N ILE A 5 1.48 0.63 -3.46
CA ILE A 5 1.58 -0.45 -2.50
C ILE A 5 1.61 0.08 -1.06
N AIB A 6 2.25 1.28 -0.88
CA AIB A 6 2.35 1.91 0.46
C AIB A 6 0.99 1.96 1.11
O AIB A 6 0.85 1.39 2.20
CB1 AIB A 6 2.89 3.33 0.30
CB2 AIB A 6 3.31 1.09 1.34
H AIB A 6 2.66 1.72 -1.74
HB11 AIB A 6 2.19 4.05 0.79
HB12 AIB A 6 3.89 3.41 0.80
HB13 AIB A 6 2.99 3.57 -0.78
HB21 AIB A 6 3.54 1.66 2.26
HB22 AIB A 6 2.83 0.12 1.61
HB23 AIB A 6 4.25 0.89 0.78
N PRO A 7 -0.02 2.61 0.52
CA PRO A 7 -1.36 2.71 1.10
C PRO A 7 -2.09 1.37 1.08
N LEU A 8 -1.93 0.63 0.00
CA LEU A 8 -2.58 -0.66 -0.15
C LEU A 8 -2.04 -1.66 0.88
N LEU A 9 -0.91 -1.31 1.49
CA LEU A 9 -0.30 -2.17 2.50
C LEU A 9 -1.13 -2.20 3.78
N AIB A 10 -1.69 -1.00 4.17
CA AIB A 10 -2.52 -0.88 5.38
C AIB A 10 -3.60 -1.94 5.37
O AIB A 10 -3.63 -2.74 6.31
CB1 AIB A 10 -3.17 0.49 5.42
CB2 AIB A 10 -1.64 -1.06 6.62
H AIB A 10 -1.49 -0.18 3.53
HB11 AIB A 10 -4.25 0.40 5.68
HB12 AIB A 10 -2.67 1.13 6.17
HB13 AIB A 10 -3.09 0.98 4.41
HB21 AIB A 10 -1.30 -2.12 6.68
HB22 AIB A 10 -0.76 -0.39 6.55
HB23 AIB A 10 -2.24 -0.80 7.52
N PRO A 11 -4.49 -1.99 4.37
CA PRO A 11 -5.57 -2.99 4.32
C PRO A 11 -5.04 -4.39 4.04
N DCL A 12 -3.76 -4.48 3.53
CA DCL A 12 -3.11 -5.76 3.21
C DCL A 12 -2.15 -6.12 4.34
CB DCL A 12 -2.33 -5.63 1.89
CG DCL A 12 -2.07 -7.00 1.25
CD1 DCL A 12 -0.88 -6.88 0.29
CD2 DCL A 12 -3.29 -7.49 0.46
O DCL A 12 -2.41 -7.44 4.78
H DCL A 12 -3.27 -3.56 3.38
HA DCL A 12 -3.88 -6.55 3.10
HC1 DCL A 12 -1.09 -6.08 3.99
HC2 DCL A 12 -2.27 -5.43 5.21
HB1 DCL A 12 -2.93 -5.02 1.18
HB2 DCL A 12 -1.36 -5.13 2.10
HG DCL A 12 -1.85 -7.73 2.06
HD11 DCL A 12 -0.52 -7.90 0.02
HD12 DCL A 12 -1.19 -6.34 -0.62
HD13 DCL A 12 -0.05 -6.32 0.79
HD21 DCL A 12 -4.04 -6.67 0.39
HD22 DCL A 12 -2.96 -7.79 -0.56
HD23 DCL A 12 -3.73 -8.36 0.98
HO DCL A 12 -2.67 -7.62 5.74
C ACE A 1 6.34 0.72 -7.65
O ACE A 1 7.28 0.00 -7.41
CH3 ACE A 1 5.73 0.87 -9.00
H1 ACE A 1 5.30 -0.08 -9.31
H2 ACE A 1 4.93 1.62 -8.94
H3 ACE A 1 6.48 1.20 -9.71
N AIB A 2 5.77 1.47 -6.65
CA AIB A 2 6.27 1.43 -5.26
C AIB A 2 5.46 2.37 -4.39
O AIB A 2 5.35 2.07 -3.21
CB1 AIB A 2 7.73 1.87 -5.24
CB2 AIB A 2 6.15 0.01 -4.72
H AIB A 2 4.95 2.08 -6.94
HB11 AIB A 2 8.37 1.06 -5.65
HB12 AIB A 2 7.86 2.78 -5.87
HB13 AIB A 2 8.04 2.09 -4.19
HB21 AIB A 2 7.08 -0.24 -4.15
HB22 AIB A 2 5.28 -0.06 -4.04
HB23 AIB A 2 6.03 -0.70 -5.56
N ASN A 3 4.91 3.46 -4.92
CA ASN A 3 4.13 4.39 -4.10
C ASN A 3 2.71 3.87 -3.90
N ILE A 4 2.29 2.94 -4.75
CA ILE A 4 0.96 2.36 -4.66
C ILE A 4 0.91 1.27 -3.59
N ILE A 5 2.04 0.64 -3.36
CA ILE A 5 2.13 -0.43 -2.36
C ILE A 5 2.07 0.14 -0.94
N AIB A 6 2.65 1.38 -0.77
CA AIB A 6 2.66 2.05 0.55
C AIB A 6 1.27 2.06 1.14
O AIB A 6 1.11 1.51 2.24
CB1 AIB A 6 3.14 3.49 0.37
CB2 AIB A 6 3.62 1.31 1.50
H AIB A 6 3.08 1.82 -1.62
HB11 AIB A 6 3.32 3.70 -0.70
HB12 AIB A 6 2.36 4.19 0.77
HB13 AIB A 6 4.09 3.63 0.93
HB21 AIB A 6 3.20 0.31 1.73
HB22 AIB A 6 4.60 1.21 1.01
HB23 AIB A 6 3.72 1.89 2.43
N PRO A 7 0.26 2.65 0.49
CA PRO A 7 -1.11 2.70 1.02
C PRO A 7 -1.78 1.32 1.01
N LEU A 8 -1.54 0.57 -0.06
CA LEU A 8 -2.13 -0.77 -0.18
C LEU A 8 -1.58 -1.70 0.89
N LEU A 9 -0.51 -1.28 1.54
CA LEU A 9 0.11 -2.09 2.59
C LEU A 9 -0.77 -2.12 3.84
N AIB A 10 -1.40 -0.94 4.17
CA AIB A 10 -2.29 -0.83 5.34
C AIB A 10 -3.32 -1.94 5.32
O AIB A 10 -3.35 -2.72 6.28
CB1 AIB A 10 -3.01 0.52 5.32
CB2 AIB A 10 -1.45 -0.93 6.63
H AIB A 10 -1.21 -0.12 3.52
HB11 AIB A 10 -4.07 0.38 5.60
HB12 AIB A 10 -2.52 1.22 6.03
HB13 AIB A 10 -2.95 0.94 4.29
HB21 AIB A 10 -1.13 -1.99 6.77
HB22 AIB A 10 -0.56 -0.27 6.54
HB23 AIB A 10 -2.07 -0.62 7.49
N PRO A 11 -4.16 -2.06 4.29
CA PRO A 11 -5.19 -3.10 4.21
C PRO A 11 -4.58 -4.48 4.00
N DCL A 12 -3.56 -4.57 3.08
CA DCL A 12 -2.87 -5.83 2.76
C DCL A 12 -1.38 -5.68 3.07
CB DCL A 12 -3.06 -6.17 1.28
CG DCL A 12 -4.39 -6.88 1.01
CD1 DCL A 12 -4.12 -8.19 0.25
CD2 DCL A 12 -5.33 -6.02 0.17
O DCL A 12 -1.17 -5.78 4.47
H DCL A 12 -3.29 -3.66 2.62
HA DCL A 12 -3.30 -6.66 3.38
HC1 DCL A 12 -0.79 -6.49 2.58
HC2 DCL A 12 -1.00 -4.70 2.73
HB1 DCL A 12 -3.04 -5.22 0.69
HB2 DCL A 12 -2.23 -6.83 0.95
HG DCL A 12 -4.88 -7.10 1.99
HD11 DCL A 12 -3.17 -8.63 0.62
HD12 DCL A 12 -4.95 -8.89 0.41
HD13 DCL A 12 -4.03 -7.97 -0.84
HD21 DCL A 12 -6.37 -6.40 0.28
HD22 DCL A 12 -5.29 -4.97 0.54
HD23 DCL A 12 -5.03 -6.06 -0.89
HO DCL A 12 -0.75 -5.01 4.97
C ACE A 1 7.81 0.68 -6.65
O ACE A 1 7.38 -0.29 -7.24
CH3 ACE A 1 9.20 1.18 -6.71
H1 ACE A 1 9.71 0.98 -5.77
H2 ACE A 1 9.73 0.67 -7.53
H3 ACE A 1 9.19 2.26 -6.90
N AIB A 2 6.96 1.41 -5.83
CA AIB A 2 5.55 1.05 -5.65
C AIB A 2 4.87 2.02 -4.70
O AIB A 2 4.80 1.70 -3.52
CB1 AIB A 2 5.46 -0.37 -5.06
CB2 AIB A 2 4.83 1.08 -7.00
H AIB A 2 7.40 2.24 -5.34
HB11 AIB A 2 5.35 -1.10 -5.88
HB12 AIB A 2 6.38 -0.58 -4.48
HB13 AIB A 2 4.58 -0.42 -4.38
HB21 AIB A 2 5.29 1.86 -7.64
HB22 AIB A 2 4.93 0.09 -7.49
HB23 AIB A 2 3.76 1.31 -6.84
N ASN A 3 4.40 3.18 -5.17
CA ASN A 3 3.76 4.14 -4.28
C ASN A 3 2.31 3.75 -4.00
N ILE A 4 1.76 2.89 -4.86
CA ILE A 4 0.38 2.42 -4.70
C ILE A 4 0.30 1.30 -3.67
N ILE A 5 1.39 0.54 -3.54
CA ILE A 5 1.43 -0.56 -2.59
C ILE A 5 1.52 -0.05 -1.16
N AIB A 6 2.23 1.12 -0.97
CA AIB A 6 2.40 1.73 0.36
C AIB A 6 1.05 1.84 1.05
O AIB A 6 0.91 1.26 2.13
CB1 AIB A 6 3.00 3.13 0.21
CB2 AIB A 6 3.33 0.86 1.22
H AIB A 6 2.65 1.55 -1.84
HB11 AIB A 6 3.14 3.35 -0.86
HB12 AIB A 6 2.32 3.88 0.66
HB13 AIB A 6 3.98 3.16 0.74
HB21 AIB A 6 2.83 -0.10 1.46
HB22 AIB A 6 4.26 0.65 0.65
HB23 AIB A 6 3.58 1.40 2.16
N PRO A 7 0.06 2.55 0.49
CA PRO A 7 -1.26 2.70 1.11
C PRO A 7 -2.06 1.40 1.09
N LEU A 8 -1.96 0.67 0.00
CA LEU A 8 -2.67 -0.60 -0.15
C LEU A 8 -2.17 -1.62 0.86
N LEU A 9 -1.02 -1.34 1.45
CA LEU A 9 -0.42 -2.24 2.44
C LEU A 9 -1.22 -2.23 3.73
N AIB A 10 -1.72 -1.01 4.14
CA AIB A 10 -2.51 -0.87 5.37
C AIB A 10 -3.64 -1.87 5.38
O AIB A 10 -3.68 -2.67 6.31
CB1 AIB A 10 -3.09 0.55 5.43
CB2 AIB A 10 -1.61 -1.09 6.59
H AIB A 10 -1.49 -0.19 3.51
HB11 AIB A 10 -4.19 0.49 5.63
HB12 AIB A 10 -2.61 1.12 6.24
HB13 AIB A 10 -2.92 1.06 4.46
HB21 AIB A 10 -1.33 -2.16 6.64
HB22 AIB A 10 -0.70 -0.46 6.51
HB23 AIB A 10 -2.17 -0.82 7.52
N PRO A 11 -4.56 -1.86 4.41
CA PRO A 11 -5.68 -2.80 4.37
C PRO A 11 -5.23 -4.24 4.07
N DCL A 12 -4.04 -4.37 3.38
CA DCL A 12 -3.47 -5.68 3.02
C DCL A 12 -2.72 -6.25 4.22
CB DCL A 12 -2.49 -5.51 1.84
CG DCL A 12 -1.97 -6.86 1.33
CD1 DCL A 12 -0.44 -6.87 1.43
CD2 DCL A 12 -2.37 -7.11 -0.12
O DCL A 12 -3.62 -6.37 5.31
H DCL A 12 -3.57 -3.46 3.12
HA DCL A 12 -4.28 -6.37 2.72
HC1 DCL A 12 -2.32 -7.25 4.00
HC2 DCL A 12 -1.89 -5.57 4.53
HB1 DCL A 12 -3.02 -4.99 1.01
HB2 DCL A 12 -1.64 -4.89 2.17
HG DCL A 12 -2.41 -7.67 1.96
HD11 DCL A 12 -0.07 -7.92 1.33
HD12 DCL A 12 -0.02 -6.25 0.61
HD13 DCL A 12 -0.13 -6.46 2.41
HD21 DCL A 12 -3.44 -6.83 -0.26
HD22 DCL A 12 -1.75 -6.48 -0.79
HD23 DCL A 12 -2.23 -8.17 -0.37
HO DCL A 12 -3.44 -5.87 6.19
#